data_8EI8
#
_entry.id   8EI8
#
_cell.length_a   111.380
_cell.length_b   117.810
_cell.length_c   65.390
_cell.angle_alpha   90.000
_cell.angle_beta   90.000
_cell.angle_gamma   90.000
#
_symmetry.space_group_name_H-M   'C 2 2 21'
#
loop_
_entity.id
_entity.type
_entity.pdbx_description
1 polymer 'NEDD4-like E3 ubiquitin-protein ligase WWP2'
2 polymer H308
3 non-polymer 'TETRAETHYLENE GLYCOL'
4 non-polymer 1,2-ETHANEDIOL
5 non-polymer 'TRIETHYLENE GLYCOL'
6 non-polymer "N,N'-(1,4-phenylene)diacetamide"
#
loop_
_entity_poly.entity_id
_entity_poly.type
_entity_poly.pdbx_seq_one_letter_code
_entity_poly.pdbx_strand_id
1 'polypeptide(L)'
;GPDRSFRWKYHQFRFLCHSNALPSHVKISVSRQTLFEDSFQQIMNMKPYDLRRRLYIIMRGEEGLDYGGIAREWFFLLSH
EVLNPMYCLFEYAGKNNYCLQINPASSINPDHLTYFRFIGRFIAMALYHGKFIDTGFTLPFYKRMLNKRPTLKDLESIDP
EFYNSIVWIKENNLEECGLELYFIQDMEILGKVTTHELKEGGESIRVTEENKEEYIMLLTDWRFTRGVEEQTKAFLDGFN
EVAPLEWLRYFDEKELELMLCGMQEIDMSDWQKSTIYRHYTKNSKQIQWFWQVVKEMDNEKRIRLLQFVTGTCRLPVGGF
AELIGSNGPQKFCIDKVGKETWLPRSHTCFNRLDLPPYKSYEQLREKLLYAIEETE
;
A
2 'polypeptide(L)' (ACE)DPANWECRYAAFNCFIQ(NH2) B
#
loop_
_chem_comp.id
_chem_comp.type
_chem_comp.name
_chem_comp.formula
ACE non-polymer 'ACETYL GROUP' 'C2 H4 O'
EDO non-polymer 1,2-ETHANEDIOL 'C2 H6 O2'
NH2 non-polymer 'AMINO GROUP' 'H2 N'
PG4 non-polymer 'TETRAETHYLENE GLYCOL' 'C8 H18 O5'
PGE non-polymer 'TRIETHYLENE GLYCOL' 'C6 H14 O4'
WHL non-polymer N,N'-(1,4-phenylene)diacetamide 'C10 H12 N2 O2'
#
# COMPACT_ATOMS: atom_id res chain seq x y z
N ASP A 3 13.85 -1.71 -14.09
CA ASP A 3 14.05 -1.27 -15.45
C ASP A 3 13.36 -2.23 -16.35
N ARG A 4 13.40 -3.50 -16.00
CA ARG A 4 12.74 -4.50 -16.78
C ARG A 4 11.35 -4.63 -16.34
N SER A 5 10.65 -5.54 -16.94
CA SER A 5 9.21 -5.65 -16.70
C SER A 5 8.92 -6.36 -15.38
N PHE A 6 7.62 -6.41 -15.04
CA PHE A 6 7.18 -7.11 -13.83
C PHE A 6 7.31 -8.61 -13.99
N ARG A 7 7.10 -9.14 -15.19
CA ARG A 7 7.22 -10.58 -15.41
C ARG A 7 8.63 -11.07 -15.09
N TRP A 8 9.64 -10.32 -15.54
CA TRP A 8 11.02 -10.70 -15.24
C TRP A 8 11.31 -10.59 -13.75
N LYS A 9 10.84 -9.52 -13.11
CA LYS A 9 11.04 -9.38 -11.66
C LYS A 9 10.35 -10.52 -10.92
N TYR A 10 9.15 -10.91 -11.36
CA TYR A 10 8.45 -12.03 -10.75
C TYR A 10 9.21 -13.34 -10.95
N HIS A 11 9.66 -13.59 -12.19
CA HIS A 11 10.35 -14.84 -12.49
C HIS A 11 11.66 -14.95 -11.73
N GLN A 12 12.38 -13.82 -11.59
CA GLN A 12 13.64 -13.86 -10.85
C GLN A 12 13.41 -14.08 -9.37
N PHE A 13 12.36 -13.48 -8.81
CA PHE A 13 12.05 -13.68 -7.40
C PHE A 13 11.60 -15.11 -7.13
N ARG A 14 10.89 -15.73 -8.08
CA ARG A 14 10.48 -17.12 -7.89
C ARG A 14 11.68 -18.05 -7.86
N PHE A 15 12.72 -17.74 -8.65
CA PHE A 15 13.92 -18.56 -8.65
C PHE A 15 14.64 -18.49 -7.31
N LEU A 16 14.67 -17.30 -6.70
CA LEU A 16 15.34 -17.16 -5.41
C LEU A 16 14.65 -18.00 -4.34
N CYS A 17 13.32 -18.00 -4.31
CA CYS A 17 12.60 -18.81 -3.34
C CYS A 17 12.72 -20.30 -3.66
N HIS A 18 12.77 -20.65 -4.94
CA HIS A 18 12.90 -22.06 -5.33
C HIS A 18 14.27 -22.60 -4.96
N SER A 19 15.33 -21.85 -5.29
CA SER A 19 16.69 -22.31 -5.06
C SER A 19 17.19 -22.08 -3.63
N ASN A 20 16.33 -21.56 -2.75
CA ASN A 20 16.69 -21.37 -1.35
C ASN A 20 15.70 -22.04 -0.41
N ALA A 21 14.93 -23.00 -0.90
CA ALA A 21 13.88 -23.64 -0.11
C ALA A 21 14.40 -24.92 0.53
N LEU A 22 14.10 -25.10 1.81
CA LEU A 22 14.45 -26.30 2.53
C LEU A 22 13.47 -27.43 2.18
N PRO A 23 13.91 -28.69 2.25
CA PRO A 23 13.04 -29.82 1.88
C PRO A 23 12.05 -30.14 3.00
N SER A 24 11.06 -30.98 2.64
CA SER A 24 9.99 -31.42 3.54
C SER A 24 8.94 -30.32 3.72
N HIS A 25 8.11 -30.45 4.76
CA HIS A 25 6.99 -29.54 4.98
C HIS A 25 6.92 -29.15 6.44
N VAL A 26 6.19 -28.06 6.72
CA VAL A 26 5.87 -27.66 8.08
C VAL A 26 4.40 -28.01 8.29
N LYS A 27 4.02 -28.38 9.51
CA LYS A 27 2.63 -28.65 9.83
C LYS A 27 2.07 -27.53 10.68
N ILE A 28 0.92 -26.99 10.28
CA ILE A 28 0.25 -25.92 11.00
C ILE A 28 -1.22 -26.26 11.10
N SER A 29 -1.70 -26.45 12.32
CA SER A 29 -3.08 -26.77 12.56
C SER A 29 -3.80 -25.66 13.24
N VAL A 30 -4.95 -25.30 12.73
CA VAL A 30 -5.72 -24.16 13.24
C VAL A 30 -7.20 -24.51 13.23
N SER A 31 -7.97 -23.72 13.98
CA SER A 31 -9.43 -23.79 13.97
C SER A 31 -9.98 -22.45 13.51
N ARG A 32 -11.28 -22.45 13.17
CA ARG A 32 -11.89 -21.24 12.63
C ARG A 32 -11.83 -20.09 13.62
N GLN A 33 -11.96 -20.48 14.89
CA GLN A 33 -12.02 -19.60 16.00
C GLN A 33 -10.74 -19.35 16.72
N THR A 34 -9.72 -20.10 16.40
CA THR A 34 -8.45 -19.91 17.05
C THR A 34 -7.39 -19.40 16.16
N LEU A 35 -7.71 -19.21 14.91
CA LEU A 35 -6.79 -18.81 13.90
C LEU A 35 -5.68 -17.87 14.17
N PHE A 36 -5.96 -16.70 14.65
CA PHE A 36 -4.87 -15.76 14.91
C PHE A 36 -3.89 -16.32 15.92
N GLU A 37 -4.40 -16.93 16.99
CA GLU A 37 -3.59 -17.24 18.16
C GLU A 37 -3.09 -18.69 18.16
N ASP A 38 -3.58 -19.53 17.25
CA ASP A 38 -2.84 -20.74 16.92
C ASP A 38 -1.69 -20.42 15.97
N SER A 39 -1.94 -19.56 14.99
CA SER A 39 -0.91 -19.19 14.03
C SER A 39 0.20 -18.38 14.70
N PHE A 40 -0.16 -17.55 15.69
CA PHE A 40 0.86 -16.79 16.40
C PHE A 40 1.78 -17.72 17.19
N GLN A 41 1.24 -18.76 17.80
CA GLN A 41 2.05 -19.63 18.64
C GLN A 41 2.96 -20.52 17.80
N GLN A 42 2.41 -21.16 16.77
CA GLN A 42 3.17 -22.16 16.01
C GLN A 42 4.21 -21.51 15.11
N ILE A 43 3.88 -20.36 14.51
CA ILE A 43 4.82 -19.72 13.59
C ILE A 43 5.94 -19.02 14.36
N MET A 44 5.61 -18.41 15.50
CA MET A 44 6.64 -17.77 16.32
C MET A 44 7.44 -18.76 17.16
N ASN A 45 7.07 -20.04 17.15
CA ASN A 45 7.87 -21.08 17.78
C ASN A 45 8.72 -21.85 16.78
N MET A 46 8.43 -21.74 15.49
CA MET A 46 9.25 -22.36 14.47
C MET A 46 10.46 -21.48 14.17
N LYS A 47 11.38 -22.02 13.40
CA LYS A 47 12.52 -21.18 13.05
C LYS A 47 12.25 -20.44 11.74
N PRO A 48 12.84 -19.26 11.58
CA PRO A 48 12.66 -18.51 10.32
C PRO A 48 12.86 -19.34 9.06
N TYR A 49 13.96 -20.08 8.97
CA TYR A 49 14.21 -20.88 7.78
C TYR A 49 13.25 -22.05 7.66
N ASP A 50 12.67 -22.51 8.76
CA ASP A 50 11.71 -23.61 8.70
C ASP A 50 10.46 -23.20 7.93
N LEU A 51 9.95 -21.98 8.16
CA LEU A 51 8.79 -21.48 7.43
C LEU A 51 9.02 -21.48 5.93
N ARG A 52 10.20 -21.82 5.49
CA ARG A 52 10.46 -21.83 4.08
C ARG A 52 10.19 -23.16 3.43
N ARG A 53 9.76 -24.13 4.23
CA ARG A 53 9.43 -25.44 3.71
C ARG A 53 7.93 -25.47 3.52
N ARG A 54 7.47 -26.28 2.57
CA ARG A 54 6.05 -26.40 2.29
C ARG A 54 5.03 -26.37 3.37
N LEU A 55 4.10 -25.45 3.24
CA LEU A 55 2.93 -25.22 4.10
C LEU A 55 1.99 -26.42 3.98
N TYR A 56 1.87 -27.15 5.09
CA TYR A 56 0.97 -28.29 5.25
C TYR A 56 -0.06 -27.85 6.30
N ILE A 57 -1.05 -27.09 5.86
CA ILE A 57 -2.02 -26.49 6.78
C ILE A 57 -3.06 -27.54 7.14
N ILE A 58 -3.37 -27.63 8.43
CA ILE A 58 -4.40 -28.53 8.94
C ILE A 58 -5.56 -27.68 9.43
N MET A 59 -6.69 -27.77 8.75
CA MET A 59 -7.90 -27.06 9.15
C MET A 59 -8.70 -28.00 10.04
N ARG A 60 -8.50 -27.86 11.36
CA ARG A 60 -9.14 -28.75 12.31
C ARG A 60 -10.66 -28.63 12.23
N GLY A 61 -11.33 -29.77 12.07
CA GLY A 61 -12.76 -29.82 11.87
C GLY A 61 -13.18 -30.11 10.44
N GLU A 62 -12.31 -29.84 9.47
CA GLU A 62 -12.60 -30.07 8.07
C GLU A 62 -11.95 -31.37 7.61
N GLU A 63 -12.14 -31.68 6.32
CA GLU A 63 -11.65 -32.91 5.71
C GLU A 63 -10.58 -32.54 4.68
N GLY A 64 -9.33 -32.57 5.10
CA GLY A 64 -8.23 -32.07 4.30
C GLY A 64 -7.99 -32.80 2.98
N LEU A 65 -8.38 -32.16 1.88
CA LEU A 65 -8.08 -32.67 0.55
C LEU A 65 -7.11 -31.73 -0.16
N ASP A 66 -7.64 -30.66 -0.73
CA ASP A 66 -6.86 -29.72 -1.54
C ASP A 66 -6.03 -28.84 -0.62
N TYR A 67 -4.72 -29.08 -0.59
CA TYR A 67 -3.84 -28.37 0.32
C TYR A 67 -3.32 -27.05 -0.26
N GLY A 68 -3.46 -26.85 -1.57
CA GLY A 68 -3.22 -25.53 -2.13
C GLY A 68 -4.32 -24.56 -1.85
N GLY A 69 -5.56 -25.03 -1.73
CA GLY A 69 -6.68 -24.14 -1.47
C GLY A 69 -6.74 -23.71 -0.01
N ILE A 70 -6.54 -24.66 0.91
CA ILE A 70 -6.39 -24.31 2.31
C ILE A 70 -5.22 -23.36 2.52
N ALA A 71 -4.18 -23.46 1.68
CA ALA A 71 -3.09 -22.51 1.76
C ALA A 71 -3.54 -21.12 1.32
N ARG A 72 -4.20 -21.02 0.16
CA ARG A 72 -4.77 -19.76 -0.27
C ARG A 72 -5.78 -19.25 0.74
N GLU A 73 -6.53 -20.16 1.38
CA GLU A 73 -7.55 -19.77 2.33
C GLU A 73 -6.94 -19.24 3.63
N TRP A 74 -5.95 -19.96 4.16
CA TRP A 74 -5.36 -19.57 5.45
C TRP A 74 -4.65 -18.23 5.35
N PHE A 75 -3.97 -17.97 4.23
CA PHE A 75 -3.28 -16.69 4.08
C PHE A 75 -4.26 -15.53 3.99
N PHE A 76 -5.40 -15.75 3.32
CA PHE A 76 -6.39 -14.68 3.17
C PHE A 76 -7.12 -14.41 4.48
N LEU A 77 -7.56 -15.46 5.16
CA LEU A 77 -8.32 -15.29 6.40
C LEU A 77 -7.46 -14.68 7.50
N LEU A 78 -6.18 -15.08 7.58
CA LEU A 78 -5.30 -14.52 8.59
C LEU A 78 -4.91 -13.08 8.27
N SER A 79 -4.81 -12.74 6.99
CA SER A 79 -4.50 -11.37 6.61
C SER A 79 -5.60 -10.40 7.03
N HIS A 80 -6.78 -10.90 7.37
CA HIS A 80 -7.86 -10.08 7.90
C HIS A 80 -8.00 -10.20 9.41
N GLU A 81 -7.45 -11.25 10.01
CA GLU A 81 -7.54 -11.43 11.45
C GLU A 81 -6.47 -10.64 12.20
N VAL A 82 -5.43 -10.17 11.50
CA VAL A 82 -4.44 -9.30 12.11
C VAL A 82 -4.95 -7.88 12.31
N LEU A 83 -6.12 -7.56 11.75
CA LEU A 83 -6.71 -6.24 11.87
C LEU A 83 -7.73 -6.17 13.00
N ASN A 84 -7.76 -7.17 13.88
CA ASN A 84 -8.73 -7.21 14.96
C ASN A 84 -8.43 -6.11 15.96
N PRO A 85 -9.40 -5.24 16.29
CA PRO A 85 -9.14 -4.15 17.24
C PRO A 85 -8.61 -4.62 18.60
N MET A 86 -8.84 -5.88 18.96
CA MET A 86 -8.40 -6.36 20.27
C MET A 86 -6.88 -6.32 20.41
N TYR A 87 -6.16 -6.41 19.29
CA TYR A 87 -4.70 -6.43 19.33
C TYR A 87 -4.08 -5.03 19.22
N CYS A 88 -4.87 -4.03 18.81
CA CYS A 88 -4.44 -2.63 18.82
C CYS A 88 -3.22 -2.39 17.95
N LEU A 89 -3.02 -3.22 16.93
CA LEU A 89 -1.81 -3.10 16.12
C LEU A 89 -1.95 -2.07 15.01
N PHE A 90 -3.16 -1.87 14.49
CA PHE A 90 -3.39 -1.02 13.33
C PHE A 90 -4.54 -0.06 13.57
N GLU A 91 -4.49 1.07 12.88
CA GLU A 91 -5.57 2.04 12.84
C GLU A 91 -5.77 2.47 11.40
N TYR A 92 -6.76 3.34 11.17
CA TYR A 92 -7.04 3.88 9.85
C TYR A 92 -7.02 5.40 9.91
N ALA A 93 -6.40 6.01 8.90
CA ALA A 93 -6.33 7.46 8.79
C ALA A 93 -7.63 8.08 8.27
N GLY A 94 -8.69 7.29 8.12
CA GLY A 94 -9.94 7.82 7.62
C GLY A 94 -11.08 6.87 7.86
N LYS A 95 -12.26 7.31 7.47
CA LYS A 95 -13.48 6.54 7.65
C LYS A 95 -13.55 5.40 6.64
N ASN A 96 -14.36 4.38 6.97
CA ASN A 96 -14.60 3.24 6.10
C ASN A 96 -13.29 2.54 5.71
N ASN A 97 -12.39 2.42 6.69
CA ASN A 97 -11.14 1.67 6.54
C ASN A 97 -10.24 2.26 5.45
N TYR A 98 -10.20 3.59 5.36
CA TYR A 98 -9.29 4.23 4.41
C TYR A 98 -7.90 4.35 5.02
N CYS A 99 -6.89 3.97 4.25
CA CYS A 99 -5.49 4.12 4.63
C CYS A 99 -5.14 3.35 5.89
N LEU A 100 -4.66 2.12 5.73
CA LEU A 100 -4.25 1.31 6.86
C LEU A 100 -2.82 1.68 7.27
N GLN A 101 -2.65 2.14 8.51
CA GLN A 101 -1.34 2.45 9.04
C GLN A 101 -1.22 1.87 10.45
N ILE A 102 0.02 1.81 10.93
CA ILE A 102 0.31 1.21 12.22
C ILE A 102 -0.23 2.09 13.33
N ASN A 103 -0.85 1.48 14.33
CA ASN A 103 -1.33 2.20 15.49
C ASN A 103 -0.15 2.68 16.33
N PRO A 104 0.03 3.98 16.54
CA PRO A 104 1.09 4.44 17.44
C PRO A 104 0.85 4.05 18.89
N ALA A 105 -0.40 3.74 19.25
CA ALA A 105 -0.74 3.29 20.59
C ALA A 105 -0.70 1.77 20.72
N SER A 106 0.03 1.08 19.84
CA SER A 106 0.13 -0.37 19.91
C SER A 106 0.82 -0.86 21.17
N SER A 107 1.54 0.03 21.87
CA SER A 107 2.20 -0.36 23.11
C SER A 107 1.21 -0.77 24.19
N ILE A 108 -0.06 -0.41 24.03
CA ILE A 108 -1.08 -0.88 24.97
C ILE A 108 -1.17 -2.40 24.95
N ASN A 109 -0.81 -3.01 23.82
CA ASN A 109 -0.53 -4.44 23.75
C ASN A 109 0.91 -4.63 24.23
N PRO A 110 1.13 -5.25 25.38
CA PRO A 110 2.50 -5.29 25.93
C PRO A 110 3.48 -6.06 25.06
N ASP A 111 3.02 -7.10 24.37
CA ASP A 111 3.88 -7.91 23.51
C ASP A 111 3.82 -7.47 22.05
N HIS A 112 3.48 -6.20 21.80
CA HIS A 112 3.15 -5.76 20.44
C HIS A 112 4.31 -5.97 19.48
N LEU A 113 5.53 -5.68 19.91
CA LEU A 113 6.69 -5.90 19.04
C LEU A 113 6.82 -7.36 18.65
N THR A 114 6.29 -8.28 19.46
CA THR A 114 6.36 -9.68 19.12
C THR A 114 5.31 -10.06 18.08
N TYR A 115 4.17 -9.36 18.11
CA TYR A 115 3.15 -9.55 17.08
C TYR A 115 3.58 -8.95 15.75
N PHE A 116 4.25 -7.79 15.79
CA PHE A 116 4.71 -7.17 14.55
C PHE A 116 5.83 -8.00 13.92
N ARG A 117 6.69 -8.60 14.73
CA ARG A 117 7.65 -9.57 14.20
C ARG A 117 6.93 -10.79 13.65
N PHE A 118 5.79 -11.16 14.23
CA PHE A 118 5.00 -12.26 13.70
C PHE A 118 4.38 -11.91 12.35
N ILE A 119 3.84 -10.70 12.23
CA ILE A 119 3.26 -10.28 10.96
C ILE A 119 4.32 -10.20 9.89
N GLY A 120 5.52 -9.72 10.24
CA GLY A 120 6.61 -9.67 9.28
C GLY A 120 6.94 -11.03 8.72
N ARG A 121 6.97 -12.06 9.57
CA ARG A 121 7.16 -13.42 9.08
C ARG A 121 5.99 -13.85 8.22
N PHE A 122 4.76 -13.57 8.66
CA PHE A 122 3.57 -13.99 7.93
C PHE A 122 3.54 -13.38 6.53
N ILE A 123 3.96 -12.13 6.39
CA ILE A 123 3.99 -11.49 5.08
C ILE A 123 5.11 -12.10 4.23
N ALA A 124 6.24 -12.43 4.86
CA ALA A 124 7.33 -13.05 4.11
C ALA A 124 6.95 -14.44 3.63
N MET A 125 6.17 -15.18 4.42
CA MET A 125 5.70 -16.49 3.98
C MET A 125 4.80 -16.37 2.75
N ALA A 126 3.98 -15.33 2.71
CA ALA A 126 3.10 -15.13 1.55
C ALA A 126 3.91 -14.87 0.28
N LEU A 127 4.93 -14.02 0.37
CA LEU A 127 5.76 -13.73 -0.79
C LEU A 127 6.59 -14.96 -1.19
N TYR A 128 7.10 -15.69 -0.20
CA TYR A 128 7.94 -16.85 -0.49
C TYR A 128 7.15 -17.97 -1.14
N HIS A 129 5.87 -18.12 -0.79
CA HIS A 129 5.06 -19.22 -1.26
C HIS A 129 4.07 -18.83 -2.35
N GLY A 130 4.22 -17.63 -2.93
CA GLY A 130 3.35 -17.21 -4.00
C GLY A 130 1.89 -17.08 -3.60
N LYS A 131 1.62 -16.93 -2.31
CA LYS A 131 0.27 -16.74 -1.81
C LYS A 131 -0.01 -15.26 -1.58
N PHE A 132 -1.30 -14.92 -1.59
CA PHE A 132 -1.72 -13.53 -1.54
C PHE A 132 -2.39 -13.19 -0.21
N ILE A 133 -2.31 -11.92 0.15
CA ILE A 133 -2.92 -11.41 1.38
C ILE A 133 -3.92 -10.34 1.01
N ASP A 134 -4.60 -9.80 2.04
CA ASP A 134 -5.52 -8.69 1.83
C ASP A 134 -5.58 -7.80 3.07
N THR A 135 -4.44 -7.66 3.76
CA THR A 135 -4.38 -6.81 4.95
C THR A 135 -4.64 -5.35 4.58
N GLY A 136 -4.08 -4.91 3.45
CA GLY A 136 -4.33 -3.56 2.97
C GLY A 136 -3.27 -2.56 3.32
N PHE A 137 -2.00 -2.99 3.30
CA PHE A 137 -0.90 -2.06 3.53
C PHE A 137 -0.89 -0.98 2.46
N THR A 138 -0.54 0.24 2.86
CA THR A 138 -0.47 1.33 1.91
C THR A 138 0.83 1.25 1.11
N LEU A 139 0.87 2.01 0.02
CA LEU A 139 2.08 2.07 -0.80
C LEU A 139 3.28 2.64 -0.04
N PRO A 140 3.15 3.67 0.81
CA PRO A 140 4.30 4.07 1.63
C PRO A 140 4.81 2.97 2.53
N PHE A 141 3.94 2.06 2.99
CA PHE A 141 4.40 0.93 3.77
C PHE A 141 5.30 0.01 2.94
N TYR A 142 4.91 -0.26 1.70
CA TYR A 142 5.76 -1.05 0.81
C TYR A 142 7.03 -0.31 0.45
N LYS A 143 6.98 1.02 0.40
CA LYS A 143 8.19 1.80 0.11
C LYS A 143 9.22 1.62 1.21
N ARG A 144 8.78 1.47 2.47
CA ARG A 144 9.70 1.23 3.56
C ARG A 144 10.36 -0.15 3.44
N MET A 145 9.61 -1.14 2.96
CA MET A 145 10.19 -2.45 2.72
C MET A 145 11.24 -2.40 1.63
N LEU A 146 11.02 -1.55 0.62
CA LEU A 146 11.99 -1.34 -0.45
C LEU A 146 13.03 -0.28 -0.10
N ASN A 147 12.97 0.27 1.11
CA ASN A 147 13.88 1.31 1.58
C ASN A 147 13.80 2.58 0.74
N LYS A 148 12.68 2.80 0.06
CA LYS A 148 12.44 4.06 -0.61
C LYS A 148 11.96 5.10 0.39
N ARG A 149 12.43 6.34 0.23
N ARG A 149 12.43 6.34 0.23
CA ARG A 149 12.03 7.40 1.15
CA ARG A 149 12.04 7.40 1.14
C ARG A 149 10.67 7.94 0.76
C ARG A 149 10.68 7.95 0.76
N PRO A 150 9.68 7.94 1.67
CA PRO A 150 8.38 8.51 1.35
C PRO A 150 8.49 9.97 0.95
N THR A 151 7.74 10.35 -0.07
CA THR A 151 7.84 11.67 -0.68
C THR A 151 6.71 12.56 -0.20
N LEU A 152 6.68 13.78 -0.75
CA LEU A 152 5.58 14.69 -0.48
C LEU A 152 4.27 14.18 -1.08
N LYS A 153 4.35 13.50 -2.22
CA LYS A 153 3.16 12.94 -2.85
C LYS A 153 2.50 11.89 -1.97
N ASP A 154 3.30 11.13 -1.21
CA ASP A 154 2.75 10.08 -0.36
C ASP A 154 1.95 10.66 0.80
N LEU A 155 2.27 11.90 1.22
CA LEU A 155 1.51 12.52 2.29
C LEU A 155 0.07 12.77 1.87
N GLU A 156 -0.14 13.23 0.63
CA GLU A 156 -1.48 13.41 0.11
C GLU A 156 -2.28 12.12 0.07
N SER A 157 -1.59 10.97 0.08
CA SER A 157 -2.27 9.68 0.04
C SER A 157 -2.73 9.23 1.42
N ILE A 158 -1.96 9.54 2.47
CA ILE A 158 -2.26 9.04 3.81
C ILE A 158 -2.77 10.12 4.74
N ASP A 159 -2.52 11.40 4.46
CA ASP A 159 -2.89 12.49 5.36
C ASP A 159 -3.02 13.79 4.56
N PRO A 160 -4.11 13.93 3.81
CA PRO A 160 -4.25 15.13 2.95
C PRO A 160 -4.25 16.44 3.72
N GLU A 161 -4.81 16.47 4.93
CA GLU A 161 -4.83 17.70 5.70
C GLU A 161 -3.42 18.08 6.16
N PHE A 162 -2.64 17.10 6.62
CA PHE A 162 -1.23 17.34 6.88
C PHE A 162 -0.51 17.78 5.61
N TYR A 163 -0.93 17.25 4.47
CA TYR A 163 -0.31 17.62 3.19
C TYR A 163 -0.64 19.06 2.81
N ASN A 164 -1.89 19.48 3.04
CA ASN A 164 -2.27 20.85 2.69
C ASN A 164 -1.53 21.87 3.53
N SER A 165 -1.14 21.51 4.76
CA SER A 165 -0.37 22.42 5.58
C SER A 165 1.02 22.65 5.01
N ILE A 166 1.59 21.65 4.34
CA ILE A 166 2.94 21.81 3.79
C ILE A 166 2.89 22.55 2.46
N VAL A 167 1.89 22.26 1.62
CA VAL A 167 1.59 23.12 0.48
C VAL A 167 1.52 24.58 0.92
N TRP A 168 0.70 24.86 1.92
CA TRP A 168 0.52 26.25 2.33
C TRP A 168 1.83 26.87 2.78
N ILE A 169 2.67 26.10 3.47
CA ILE A 169 3.95 26.63 3.95
C ILE A 169 4.88 26.90 2.77
N LYS A 170 4.95 25.97 1.81
CA LYS A 170 5.90 26.10 0.72
C LYS A 170 5.57 27.28 -0.19
N GLU A 171 4.28 27.48 -0.50
CA GLU A 171 3.86 28.45 -1.50
C GLU A 171 3.36 29.76 -0.88
N ASN A 172 3.67 30.02 0.38
CA ASN A 172 3.26 31.27 1.01
C ASN A 172 4.42 31.86 1.79
N ASN A 173 4.69 33.15 1.57
CA ASN A 173 5.68 33.85 2.37
C ASN A 173 5.17 33.97 3.80
N LEU A 174 5.49 32.98 4.63
CA LEU A 174 5.00 32.94 6.01
C LEU A 174 5.59 34.05 6.86
N GLU A 175 6.36 34.97 6.29
CA GLU A 175 6.84 36.09 7.09
C GLU A 175 5.83 37.21 7.11
N GLU A 176 5.07 37.32 6.00
CA GLU A 176 3.95 38.22 5.92
C GLU A 176 2.79 37.73 6.77
N CYS A 177 2.40 36.47 6.57
CA CYS A 177 1.25 35.90 7.27
C CYS A 177 1.47 35.80 8.77
N GLY A 178 2.70 35.93 9.25
CA GLY A 178 2.96 35.99 10.67
C GLY A 178 2.67 34.72 11.42
N LEU A 179 3.45 33.67 11.15
CA LEU A 179 3.36 32.42 11.90
C LEU A 179 4.72 32.05 12.49
N GLU A 180 4.80 32.04 13.83
CA GLU A 180 5.88 31.36 14.58
C GLU A 180 5.78 29.84 14.45
N LEU A 181 6.68 29.28 13.65
CA LEU A 181 6.93 27.85 13.61
C LEU A 181 8.38 27.55 13.97
N TYR A 182 8.56 26.51 14.77
CA TYR A 182 9.86 26.01 15.19
C TYR A 182 10.05 24.58 14.69
N PHE A 183 11.29 24.10 14.80
CA PHE A 183 11.65 22.76 14.32
C PHE A 183 11.28 21.70 15.36
N ILE A 184 10.00 21.68 15.73
CA ILE A 184 9.48 20.75 16.72
C ILE A 184 8.11 20.24 16.26
N GLN A 185 7.67 19.16 16.90
CA GLN A 185 6.38 18.55 16.60
C GLN A 185 5.89 17.81 17.83
N ASP A 186 4.64 18.07 18.22
CA ASP A 186 4.06 17.37 19.36
C ASP A 186 3.54 16.00 18.93
N MET A 187 3.17 15.18 19.92
CA MET A 187 2.74 13.81 19.66
C MET A 187 1.99 13.31 20.88
N GLU A 188 0.70 13.06 20.73
CA GLU A 188 -0.13 12.51 21.81
C GLU A 188 -0.35 11.03 21.56
N ILE A 189 0.25 10.19 22.40
CA ILE A 189 0.06 8.75 22.38
C ILE A 189 -0.40 8.31 23.76
N LEU A 190 -1.62 7.80 23.83
CA LEU A 190 -2.21 7.35 25.09
C LEU A 190 -2.27 8.48 26.12
N GLY A 191 -2.71 9.66 25.67
CA GLY A 191 -2.80 10.81 26.54
C GLY A 191 -1.48 11.42 26.97
N LYS A 192 -0.36 10.85 26.56
CA LYS A 192 0.97 11.37 26.90
C LYS A 192 1.48 12.19 25.74
N VAL A 193 1.58 13.50 25.94
CA VAL A 193 1.99 14.42 24.88
C VAL A 193 3.49 14.60 24.92
N THR A 194 4.15 14.34 23.80
CA THR A 194 5.61 14.47 23.69
C THR A 194 5.97 15.26 22.43
N THR A 195 7.11 15.93 22.52
CA THR A 195 7.60 16.85 21.50
C THR A 195 8.93 16.33 20.95
N HIS A 196 9.00 16.17 19.63
CA HIS A 196 10.20 15.70 18.96
C HIS A 196 10.91 16.88 18.29
N GLU A 197 12.23 16.92 18.44
CA GLU A 197 13.05 17.95 17.80
C GLU A 197 13.43 17.48 16.40
N LEU A 198 13.07 18.27 15.39
CA LEU A 198 13.33 17.86 14.01
C LEU A 198 14.82 17.92 13.69
N LYS A 199 15.53 18.92 14.20
CA LYS A 199 16.97 19.04 14.01
C LYS A 199 17.62 19.35 15.36
N GLU A 200 18.95 19.38 15.35
CA GLU A 200 19.73 19.63 16.56
C GLU A 200 19.39 20.99 17.16
N GLY A 201 18.73 20.99 18.31
CA GLY A 201 18.36 22.24 18.94
C GLY A 201 17.19 22.96 18.29
N GLY A 202 16.35 22.24 17.55
CA GLY A 202 15.19 22.83 16.90
C GLY A 202 14.15 23.34 17.88
N GLU A 203 14.28 23.03 19.17
CA GLU A 203 13.40 23.59 20.18
C GLU A 203 13.44 25.11 20.19
N SER A 204 14.52 25.70 19.63
CA SER A 204 14.79 27.12 19.74
C SER A 204 14.82 27.83 18.39
N ILE A 205 14.80 27.11 17.27
CA ILE A 205 15.04 27.67 15.95
C ILE A 205 13.71 27.96 15.28
N ARG A 206 13.48 29.20 14.87
CA ARG A 206 12.31 29.48 14.05
C ARG A 206 12.47 28.93 12.64
N VAL A 207 11.32 28.65 12.02
CA VAL A 207 11.26 28.36 10.60
C VAL A 207 11.07 29.68 9.88
N THR A 208 12.01 30.03 9.01
CA THR A 208 11.94 31.24 8.22
C THR A 208 11.91 30.88 6.74
N GLU A 209 11.92 31.91 5.89
CA GLU A 209 12.05 31.67 4.46
C GLU A 209 13.30 30.88 4.13
N GLU A 210 14.37 31.03 4.92
CA GLU A 210 15.57 30.26 4.62
C GLU A 210 15.49 28.78 5.03
N ASN A 211 15.34 28.44 6.30
CA ASN A 211 15.29 27.02 6.63
C ASN A 211 13.93 26.37 6.32
N LYS A 212 13.14 26.95 5.42
CA LYS A 212 11.79 26.43 5.16
C LYS A 212 11.84 25.11 4.41
N GLU A 213 12.48 25.08 3.23
CA GLU A 213 12.54 23.87 2.44
C GLU A 213 13.20 22.73 3.21
N GLU A 214 14.16 23.06 4.09
CA GLU A 214 14.69 22.07 5.01
C GLU A 214 13.60 21.59 5.96
N TYR A 215 12.97 22.52 6.69
CA TYR A 215 11.87 22.16 7.58
C TYR A 215 10.82 21.31 6.86
N ILE A 216 10.76 21.37 5.53
CA ILE A 216 9.75 20.58 4.81
C ILE A 216 10.24 19.14 4.58
N MET A 217 11.53 18.99 4.36
CA MET A 217 12.12 17.66 4.23
C MET A 217 12.08 16.93 5.58
N LEU A 218 12.20 17.68 6.68
CA LEU A 218 12.17 17.11 8.03
C LEU A 218 10.77 16.68 8.42
N LEU A 219 9.79 17.59 8.35
CA LEU A 219 8.44 17.29 8.81
C LEU A 219 7.84 16.11 8.05
N THR A 220 8.13 16.00 6.75
CA THR A 220 7.63 14.87 5.97
C THR A 220 8.20 13.56 6.48
N ASP A 221 9.51 13.52 6.76
CA ASP A 221 10.12 12.29 7.25
C ASP A 221 9.64 11.93 8.64
N TRP A 222 9.27 12.92 9.46
CA TRP A 222 8.78 12.63 10.80
C TRP A 222 7.38 12.01 10.75
N ARG A 223 6.54 12.47 9.83
CA ARG A 223 5.16 11.97 9.76
C ARG A 223 5.13 10.49 9.38
N PHE A 224 6.13 10.02 8.62
CA PHE A 224 6.18 8.63 8.20
C PHE A 224 6.90 7.72 9.20
N THR A 225 7.44 8.29 10.28
CA THR A 225 8.16 7.49 11.27
C THR A 225 7.68 7.70 12.70
N ARG A 226 6.87 8.72 12.98
CA ARG A 226 6.56 9.06 14.36
C ARG A 226 5.70 7.97 15.00
N GLY A 227 6.08 7.58 16.22
CA GLY A 227 5.33 6.61 16.99
C GLY A 227 5.29 5.21 16.40
N VAL A 228 6.04 4.95 15.34
CA VAL A 228 6.02 3.65 14.69
C VAL A 228 7.42 3.12 14.45
N GLU A 229 8.42 3.75 15.07
CA GLU A 229 9.80 3.29 14.88
C GLU A 229 9.99 1.87 15.41
N GLU A 230 9.62 1.64 16.67
CA GLU A 230 9.62 0.29 17.24
C GLU A 230 8.96 -0.70 16.30
N GLN A 231 7.67 -0.48 16.04
CA GLN A 231 6.83 -1.49 15.40
C GLN A 231 7.29 -1.80 13.97
N THR A 232 7.78 -0.78 13.26
CA THR A 232 8.30 -1.02 11.92
C THR A 232 9.56 -1.87 11.96
N LYS A 233 10.43 -1.62 12.94
CA LYS A 233 11.65 -2.41 13.08
C LYS A 233 11.33 -3.87 13.37
N ALA A 234 10.28 -4.12 14.16
CA ALA A 234 9.89 -5.49 14.45
C ALA A 234 9.37 -6.20 13.20
N PHE A 235 8.57 -5.49 12.40
CA PHE A 235 8.02 -6.08 11.18
C PHE A 235 9.14 -6.46 10.21
N LEU A 236 10.07 -5.53 9.97
CA LEU A 236 11.14 -5.78 9.01
C LEU A 236 12.11 -6.84 9.51
N ASP A 237 12.36 -6.88 10.82
CA ASP A 237 13.26 -7.89 11.37
C ASP A 237 12.68 -9.29 11.20
N GLY A 238 11.38 -9.46 11.47
CA GLY A 238 10.75 -10.76 11.27
C GLY A 238 10.63 -11.12 9.80
N PHE A 239 10.39 -10.13 8.94
CA PHE A 239 10.33 -10.40 7.51
C PHE A 239 11.69 -10.82 6.98
N ASN A 240 12.74 -10.10 7.37
CA ASN A 240 14.09 -10.41 6.87
C ASN A 240 14.56 -11.79 7.32
N GLU A 241 14.04 -12.27 8.45
CA GLU A 241 14.41 -13.61 8.92
C GLU A 241 13.99 -14.67 7.90
N VAL A 242 12.75 -14.59 7.43
CA VAL A 242 12.22 -15.61 6.52
C VAL A 242 12.65 -15.34 5.09
N ALA A 243 12.39 -14.13 4.60
CA ALA A 243 12.76 -13.75 3.25
C ALA A 243 13.67 -12.53 3.30
N PRO A 244 14.88 -12.60 2.75
CA PRO A 244 15.77 -11.43 2.79
C PRO A 244 15.16 -10.25 2.05
N LEU A 245 15.32 -9.06 2.64
CA LEU A 245 14.73 -7.85 2.07
C LEU A 245 15.42 -7.42 0.78
N GLU A 246 16.65 -7.87 0.54
CA GLU A 246 17.33 -7.55 -0.71
C GLU A 246 16.66 -8.20 -1.91
N TRP A 247 15.90 -9.28 -1.68
CA TRP A 247 15.22 -9.97 -2.78
C TRP A 247 14.17 -9.11 -3.46
N LEU A 248 13.77 -8.00 -2.83
CA LEU A 248 12.79 -7.08 -3.39
C LEU A 248 13.44 -5.83 -3.98
N ARG A 249 14.75 -5.88 -4.25
CA ARG A 249 15.46 -4.67 -4.66
C ARG A 249 15.02 -4.17 -6.03
N TYR A 250 14.54 -5.06 -6.90
CA TYR A 250 14.15 -4.66 -8.24
C TYR A 250 12.73 -4.12 -8.32
N PHE A 251 11.89 -4.41 -7.33
CA PHE A 251 10.49 -4.02 -7.36
C PHE A 251 10.33 -2.54 -7.01
N ASP A 252 9.17 -1.99 -7.39
CA ASP A 252 8.70 -0.71 -6.90
C ASP A 252 7.48 -0.95 -6.02
N GLU A 253 7.00 0.13 -5.38
CA GLU A 253 5.94 -0.01 -4.39
C GLU A 253 4.66 -0.56 -5.00
N LYS A 254 4.37 -0.24 -6.26
CA LYS A 254 3.17 -0.73 -6.90
C LYS A 254 3.30 -2.20 -7.32
N GLU A 255 4.51 -2.59 -7.76
CA GLU A 255 4.73 -4.00 -8.10
C GLU A 255 4.73 -4.88 -6.85
N LEU A 256 5.26 -4.36 -5.74
CA LEU A 256 5.30 -5.13 -4.51
C LEU A 256 3.88 -5.43 -3.99
N GLU A 257 2.95 -4.50 -4.18
CA GLU A 257 1.56 -4.76 -3.81
C GLU A 257 0.95 -5.83 -4.69
N LEU A 258 1.32 -5.85 -5.97
CA LEU A 258 0.84 -6.90 -6.87
C LEU A 258 1.35 -8.26 -6.44
N MET A 259 2.62 -8.33 -6.02
CA MET A 259 3.20 -9.59 -5.58
C MET A 259 2.54 -10.11 -4.29
N LEU A 260 1.87 -9.25 -3.54
CA LEU A 260 1.26 -9.65 -2.27
C LEU A 260 -0.26 -9.72 -2.31
N CYS A 261 -0.90 -8.98 -3.22
CA CYS A 261 -2.36 -8.93 -3.26
C CYS A 261 -2.98 -9.60 -4.48
N GLY A 262 -2.24 -9.71 -5.58
CA GLY A 262 -2.78 -10.30 -6.80
C GLY A 262 -3.51 -9.28 -7.64
N MET A 263 -4.13 -9.78 -8.72
CA MET A 263 -4.91 -8.92 -9.59
C MET A 263 -6.32 -9.44 -9.75
N GLN A 264 -7.22 -8.52 -10.11
CA GLN A 264 -8.57 -8.85 -10.56
C GLN A 264 -8.74 -8.33 -11.98
N GLU A 265 -9.58 -9.01 -12.76
CA GLU A 265 -9.97 -8.41 -14.03
C GLU A 265 -10.96 -7.29 -13.75
N ILE A 266 -10.66 -6.11 -14.26
CA ILE A 266 -11.33 -4.89 -13.86
C ILE A 266 -12.45 -4.64 -14.86
N ASP A 267 -13.66 -5.05 -14.49
CA ASP A 267 -14.85 -4.81 -15.30
C ASP A 267 -15.08 -3.31 -15.46
N MET A 268 -14.75 -2.76 -16.62
CA MET A 268 -14.90 -1.33 -16.84
C MET A 268 -16.19 -0.95 -17.55
N SER A 269 -17.07 -1.91 -17.83
CA SER A 269 -18.47 -1.54 -17.97
C SER A 269 -18.99 -1.00 -16.64
N ASP A 270 -18.44 -1.49 -15.53
CA ASP A 270 -18.69 -0.95 -14.20
C ASP A 270 -17.87 0.31 -13.96
N TRP A 271 -16.57 0.28 -14.30
CA TRP A 271 -15.69 1.41 -14.08
C TRP A 271 -16.17 2.65 -14.85
N GLN A 272 -16.62 2.49 -16.06
CA GLN A 272 -17.07 3.59 -16.88
C GLN A 272 -18.31 4.25 -16.41
N LYS A 273 -19.26 3.49 -15.96
CA LYS A 273 -20.53 4.05 -15.50
C LYS A 273 -20.42 4.65 -14.09
N SER A 274 -19.39 4.28 -13.34
CA SER A 274 -19.17 4.80 -11.99
C SER A 274 -18.05 5.84 -11.96
N THR A 275 -17.99 6.70 -12.97
CA THR A 275 -16.92 7.68 -13.12
C THR A 275 -17.52 9.07 -13.28
N ILE A 276 -17.04 10.02 -12.48
CA ILE A 276 -17.48 11.41 -12.56
C ILE A 276 -16.35 12.27 -13.09
N TYR A 277 -16.62 13.56 -13.31
CA TYR A 277 -15.66 14.42 -13.99
C TYR A 277 -15.84 15.87 -13.52
N ARG A 278 -14.73 16.62 -13.51
CA ARG A 278 -14.79 18.07 -13.56
C ARG A 278 -14.55 18.54 -14.98
N HIS A 279 -15.14 19.70 -15.32
CA HIS A 279 -14.70 20.53 -16.45
C HIS A 279 -14.65 19.73 -17.75
N TYR A 280 -15.17 18.51 -17.70
CA TYR A 280 -15.26 17.56 -18.81
C TYR A 280 -16.67 16.99 -18.87
N THR A 281 -17.04 16.55 -20.07
CA THR A 281 -18.23 15.76 -20.30
C THR A 281 -17.82 14.34 -20.67
N LYS A 282 -18.78 13.42 -20.55
CA LYS A 282 -18.51 12.04 -20.95
C LYS A 282 -18.22 11.90 -22.43
N ASN A 283 -18.40 12.97 -23.21
CA ASN A 283 -18.19 12.94 -24.65
C ASN A 283 -17.02 13.80 -25.11
N SER A 284 -16.28 14.42 -24.18
CA SER A 284 -15.08 15.14 -24.56
C SER A 284 -14.12 14.18 -25.25
N LYS A 285 -13.60 14.60 -26.41
CA LYS A 285 -12.73 13.73 -27.19
C LYS A 285 -11.50 13.29 -26.40
N GLN A 286 -11.14 14.04 -25.35
CA GLN A 286 -10.14 13.56 -24.40
C GLN A 286 -10.56 12.25 -23.76
N ILE A 287 -11.74 12.25 -23.13
CA ILE A 287 -12.19 11.09 -22.37
C ILE A 287 -12.59 9.95 -23.29
N GLN A 288 -13.18 10.28 -24.45
CA GLN A 288 -13.46 9.25 -25.44
C GLN A 288 -12.18 8.58 -25.92
N TRP A 289 -11.06 9.29 -25.85
CA TRP A 289 -9.76 8.68 -26.09
C TRP A 289 -9.30 7.88 -24.87
N PHE A 290 -9.44 8.47 -23.68
CA PHE A 290 -8.95 7.82 -22.46
C PHE A 290 -9.62 6.47 -22.25
N TRP A 291 -10.94 6.43 -22.40
CA TRP A 291 -11.65 5.17 -22.20
C TRP A 291 -11.29 4.14 -23.26
N GLN A 292 -10.92 4.58 -24.46
CA GLN A 292 -10.52 3.64 -25.50
C GLN A 292 -9.08 3.15 -25.29
N VAL A 293 -8.19 4.01 -24.79
CA VAL A 293 -6.88 3.55 -24.34
C VAL A 293 -7.04 2.39 -23.36
N VAL A 294 -7.80 2.60 -22.29
CA VAL A 294 -7.84 1.64 -21.19
C VAL A 294 -8.49 0.33 -21.60
N LYS A 295 -9.02 0.27 -22.83
CA LYS A 295 -9.62 -0.95 -23.34
C LYS A 295 -8.52 -1.85 -23.91
N GLU A 296 -7.62 -1.24 -24.67
CA GLU A 296 -6.49 -1.91 -25.28
C GLU A 296 -5.45 -2.32 -24.25
N MET A 297 -5.50 -1.73 -23.06
CA MET A 297 -4.61 -2.15 -21.98
C MET A 297 -4.87 -3.61 -21.67
N ASP A 298 -3.81 -4.34 -21.33
CA ASP A 298 -4.07 -5.56 -20.60
C ASP A 298 -4.34 -5.19 -19.14
N ASN A 299 -4.54 -6.19 -18.31
CA ASN A 299 -5.01 -5.92 -16.97
C ASN A 299 -3.87 -5.81 -15.98
N GLU A 300 -2.64 -6.02 -16.46
CA GLU A 300 -1.42 -5.53 -15.83
C GLU A 300 -1.61 -4.04 -15.52
N LYS A 301 -1.52 -3.28 -16.61
CA LYS A 301 -1.48 -1.82 -16.66
C LYS A 301 -2.83 -1.19 -16.36
N ARG A 302 -3.92 -1.93 -16.55
CA ARG A 302 -5.22 -1.49 -16.08
C ARG A 302 -5.22 -1.34 -14.57
N ILE A 303 -4.72 -2.36 -13.86
CA ILE A 303 -4.67 -2.33 -12.41
C ILE A 303 -3.55 -1.41 -11.93
N ARG A 304 -2.55 -1.16 -12.78
CA ARG A 304 -1.54 -0.16 -12.47
C ARG A 304 -2.12 1.25 -12.53
N LEU A 305 -3.04 1.48 -13.47
CA LEU A 305 -3.77 2.75 -13.50
C LEU A 305 -4.61 2.93 -12.25
N LEU A 306 -5.17 1.83 -11.72
CA LEU A 306 -5.91 1.91 -10.47
C LEU A 306 -5.01 2.32 -9.32
N GLN A 307 -3.80 1.76 -9.25
CA GLN A 307 -2.86 2.13 -8.20
C GLN A 307 -2.44 3.59 -8.32
N PHE A 308 -2.29 4.07 -9.55
CA PHE A 308 -1.85 5.45 -9.76
C PHE A 308 -2.91 6.46 -9.32
N VAL A 309 -4.18 6.14 -9.51
CA VAL A 309 -5.27 7.08 -9.24
C VAL A 309 -5.88 6.86 -7.87
N THR A 310 -6.10 5.61 -7.47
CA THR A 310 -6.76 5.33 -6.20
C THR A 310 -5.79 5.02 -5.06
N GLY A 311 -4.56 4.62 -5.37
CA GLY A 311 -3.58 4.31 -4.35
C GLY A 311 -3.38 2.84 -4.07
N THR A 312 -4.25 1.97 -4.58
CA THR A 312 -4.13 0.54 -4.35
C THR A 312 -4.63 -0.20 -5.58
N CYS A 313 -4.39 -1.51 -5.60
CA CYS A 313 -4.83 -2.39 -6.68
C CYS A 313 -6.08 -3.18 -6.33
N ARG A 314 -6.68 -2.93 -5.18
CA ARG A 314 -7.79 -3.73 -4.66
C ARG A 314 -9.08 -2.94 -4.80
N LEU A 315 -10.10 -3.57 -5.38
CA LEU A 315 -11.38 -2.88 -5.40
C LEU A 315 -12.17 -3.21 -4.15
N PRO A 316 -13.14 -2.37 -3.78
CA PRO A 316 -14.11 -2.78 -2.75
C PRO A 316 -15.09 -3.79 -3.31
N VAL A 317 -15.79 -4.47 -2.41
CA VAL A 317 -16.70 -5.54 -2.82
C VAL A 317 -17.86 -5.01 -3.65
N GLY A 318 -18.25 -3.75 -3.42
CA GLY A 318 -19.33 -3.16 -4.18
C GLY A 318 -18.99 -2.68 -5.57
N GLY A 319 -17.76 -2.87 -6.01
CA GLY A 319 -17.34 -2.39 -7.31
C GLY A 319 -16.85 -0.96 -7.27
N PHE A 320 -16.87 -0.32 -8.44
CA PHE A 320 -16.44 1.06 -8.54
C PHE A 320 -17.46 2.06 -8.01
N ALA A 321 -18.70 1.63 -7.76
CA ALA A 321 -19.69 2.53 -7.19
C ALA A 321 -19.43 2.78 -5.71
N GLU A 322 -18.89 1.80 -5.00
CA GLU A 322 -18.56 1.93 -3.58
C GLU A 322 -17.11 2.34 -3.35
N LEU A 323 -16.55 3.17 -4.24
CA LEU A 323 -15.18 3.63 -4.10
C LEU A 323 -15.09 4.67 -3.00
N ILE A 324 -14.07 4.55 -2.15
CA ILE A 324 -13.94 5.34 -0.93
C ILE A 324 -12.68 6.18 -1.03
N GLY A 325 -12.79 7.44 -0.57
CA GLY A 325 -11.67 8.33 -0.46
C GLY A 325 -11.33 8.63 1.02
N SER A 326 -10.59 9.74 1.18
CA SER A 326 -10.21 10.16 2.53
C SER A 326 -11.32 10.90 3.26
N ASN A 327 -12.47 11.11 2.61
CA ASN A 327 -13.63 11.72 3.24
C ASN A 327 -14.83 10.78 3.30
N GLY A 328 -14.70 9.56 2.78
CA GLY A 328 -15.81 8.64 2.68
C GLY A 328 -15.97 8.16 1.26
N PRO A 329 -17.21 7.83 0.87
CA PRO A 329 -17.46 7.41 -0.51
C PRO A 329 -17.03 8.48 -1.52
N GLN A 330 -16.19 8.08 -2.47
CA GLN A 330 -15.65 9.00 -3.46
C GLN A 330 -15.41 8.23 -4.75
N LYS A 331 -16.22 8.52 -5.77
CA LYS A 331 -16.12 7.79 -7.02
C LYS A 331 -14.88 8.21 -7.82
N PHE A 332 -14.55 7.39 -8.81
CA PHE A 332 -13.45 7.70 -9.71
C PHE A 332 -13.75 8.99 -10.48
N CYS A 333 -12.75 9.87 -10.56
CA CYS A 333 -12.96 11.20 -11.13
C CYS A 333 -11.78 11.60 -12.01
N ILE A 334 -12.10 12.26 -13.12
CA ILE A 334 -11.13 12.83 -14.05
C ILE A 334 -11.48 14.30 -14.21
N ASP A 335 -10.49 15.13 -14.51
CA ASP A 335 -10.82 16.53 -14.73
C ASP A 335 -9.87 17.18 -15.73
N LYS A 336 -10.20 18.43 -16.07
CA LYS A 336 -9.34 19.29 -16.87
C LYS A 336 -8.41 20.01 -15.90
N VAL A 337 -7.27 19.39 -15.61
CA VAL A 337 -6.21 20.00 -14.81
C VAL A 337 -4.86 19.68 -15.45
N GLY A 338 -4.06 20.71 -15.65
CA GLY A 338 -2.78 20.60 -16.31
C GLY A 338 -2.82 21.20 -17.70
N LYS A 339 -1.67 21.71 -18.12
CA LYS A 339 -1.54 22.32 -19.44
C LYS A 339 -0.94 21.32 -20.42
N GLU A 340 -0.96 21.69 -21.70
CA GLU A 340 -0.78 20.72 -22.79
C GLU A 340 0.50 19.90 -22.62
N THR A 341 1.58 20.53 -22.17
CA THR A 341 2.85 19.82 -22.02
C THR A 341 3.06 19.44 -20.54
N TRP A 342 2.17 18.57 -20.08
CA TRP A 342 2.23 18.04 -18.72
C TRP A 342 2.28 16.51 -18.78
N LEU A 343 1.85 15.88 -17.69
CA LEU A 343 1.62 14.44 -17.63
C LEU A 343 0.41 14.22 -16.73
N PRO A 344 -0.21 13.05 -16.75
CA PRO A 344 -1.30 12.77 -15.80
C PRO A 344 -0.76 12.71 -14.37
N ARG A 345 -1.19 13.67 -13.55
CA ARG A 345 -0.96 13.63 -12.12
C ARG A 345 -2.24 13.20 -11.42
N SER A 346 -2.09 12.72 -10.19
CA SER A 346 -3.21 12.10 -9.48
C SER A 346 -3.28 12.61 -8.05
N HIS A 347 -4.40 12.30 -7.40
CA HIS A 347 -4.62 12.59 -5.99
C HIS A 347 -5.42 11.41 -5.42
N THR A 348 -4.69 10.46 -4.81
CA THR A 348 -5.30 9.20 -4.42
C THR A 348 -6.34 9.37 -3.32
N CYS A 349 -6.20 10.41 -2.50
CA CYS A 349 -7.20 10.67 -1.45
C CYS A 349 -8.56 11.03 -2.04
N PHE A 350 -8.60 11.52 -3.28
CA PHE A 350 -9.84 11.85 -3.95
C PHE A 350 -10.13 10.94 -5.14
N ASN A 351 -9.28 9.93 -5.38
CA ASN A 351 -9.40 9.05 -6.55
C ASN A 351 -9.54 9.87 -7.83
N ARG A 352 -8.79 10.98 -7.89
CA ARG A 352 -8.90 11.94 -8.97
C ARG A 352 -7.72 11.79 -9.94
N LEU A 353 -8.02 11.84 -11.23
CA LEU A 353 -7.02 11.80 -12.28
C LEU A 353 -6.97 13.17 -12.93
N ASP A 354 -5.93 13.94 -12.63
CA ASP A 354 -5.73 15.25 -13.26
C ASP A 354 -5.23 15.01 -14.68
N LEU A 355 -6.17 14.91 -15.61
CA LEU A 355 -5.85 14.67 -17.01
C LEU A 355 -5.87 15.98 -17.77
N PRO A 356 -4.73 16.55 -18.12
CA PRO A 356 -4.73 17.77 -18.94
C PRO A 356 -5.34 17.51 -20.30
N PRO A 357 -6.08 18.48 -20.86
CA PRO A 357 -6.68 18.29 -22.18
C PRO A 357 -5.64 18.14 -23.26
N TYR A 358 -5.42 16.91 -23.72
CA TYR A 358 -4.33 16.64 -24.64
C TYR A 358 -4.71 17.00 -26.07
N LYS A 359 -3.70 17.01 -26.93
CA LYS A 359 -3.89 17.38 -28.33
C LYS A 359 -4.47 16.22 -29.14
N SER A 360 -3.84 15.06 -29.08
CA SER A 360 -4.22 13.92 -29.91
C SER A 360 -4.23 12.64 -29.09
N TYR A 361 -4.94 11.64 -29.62
CA TYR A 361 -4.91 10.31 -29.02
C TYR A 361 -3.50 9.75 -28.99
N GLU A 362 -2.72 10.02 -30.04
CA GLU A 362 -1.32 9.63 -30.06
C GLU A 362 -0.56 10.24 -28.90
N GLN A 363 -0.85 11.51 -28.58
CA GLN A 363 -0.23 12.15 -27.43
C GLN A 363 -0.71 11.53 -26.11
N LEU A 364 -1.98 11.17 -26.04
CA LEU A 364 -2.57 10.77 -24.77
C LEU A 364 -2.33 9.29 -24.46
N ARG A 365 -2.29 8.42 -25.47
CA ARG A 365 -1.85 7.05 -25.21
C ARG A 365 -0.37 7.02 -24.85
N GLU A 366 0.42 7.94 -25.42
CA GLU A 366 1.86 7.95 -25.18
C GLU A 366 2.19 8.48 -23.79
N LYS A 367 1.65 9.65 -23.43
CA LYS A 367 2.01 10.29 -22.17
C LYS A 367 1.31 9.69 -20.96
N LEU A 368 0.17 9.03 -21.15
CA LEU A 368 -0.51 8.39 -20.02
C LEU A 368 0.31 7.22 -19.50
N LEU A 369 0.64 6.27 -20.38
CA LEU A 369 1.34 5.07 -19.95
C LEU A 369 2.69 5.36 -19.33
N TYR A 370 3.35 6.44 -19.74
CA TYR A 370 4.63 6.81 -19.14
C TYR A 370 4.45 7.21 -17.68
N ALA A 371 3.54 8.15 -17.42
CA ALA A 371 3.28 8.56 -16.05
C ALA A 371 2.73 7.42 -15.21
N ILE A 372 2.00 6.50 -15.83
CA ILE A 372 1.49 5.33 -15.12
C ILE A 372 2.63 4.39 -14.75
N GLU A 373 3.63 4.27 -15.63
CA GLU A 373 4.71 3.31 -15.45
C GLU A 373 5.99 3.91 -14.87
N GLU A 374 6.13 5.24 -14.91
CA GLU A 374 7.38 5.88 -14.47
C GLU A 374 7.22 6.95 -13.41
N THR A 375 6.01 7.40 -13.13
CA THR A 375 5.76 8.38 -12.07
C THR A 375 4.89 7.75 -10.99
N GLU A 376 4.52 8.56 -10.00
CA GLU A 376 3.68 8.09 -8.90
C GLU A 376 2.57 9.08 -8.58
N ASP B 2 -16.44 -16.50 0.93
CA ASP B 2 -15.30 -15.68 0.51
C ASP B 2 -14.19 -16.33 -0.34
N PRO B 3 -14.26 -17.62 -0.69
CA PRO B 3 -13.25 -18.15 -1.62
C PRO B 3 -13.24 -17.45 -2.97
N ALA B 4 -14.41 -17.10 -3.51
CA ALA B 4 -14.45 -16.38 -4.78
C ALA B 4 -13.66 -15.08 -4.74
N ASN B 5 -13.47 -14.50 -3.55
CA ASN B 5 -12.69 -13.27 -3.44
C ASN B 5 -11.24 -13.51 -3.82
N TRP B 6 -10.56 -14.40 -3.11
CA TRP B 6 -9.14 -14.61 -3.35
C TRP B 6 -8.89 -15.52 -4.55
N GLU B 7 -9.82 -16.41 -4.88
CA GLU B 7 -9.61 -17.30 -6.03
C GLU B 7 -9.56 -16.50 -7.33
N CYS B 8 -10.42 -15.49 -7.47
CA CYS B 8 -10.42 -14.67 -8.68
C CYS B 8 -9.13 -13.89 -8.84
N ARG B 9 -8.40 -13.68 -7.75
CA ARG B 9 -7.15 -12.94 -7.73
C ARG B 9 -5.95 -13.82 -8.06
N TYR B 10 -6.00 -15.11 -7.73
CA TYR B 10 -4.98 -16.03 -8.22
C TYR B 10 -5.14 -16.30 -9.71
N ALA B 11 -6.38 -16.34 -10.20
CA ALA B 11 -6.61 -16.66 -11.61
C ALA B 11 -6.19 -15.50 -12.51
N ALA B 12 -6.65 -14.29 -12.21
CA ALA B 12 -6.26 -13.14 -13.03
C ALA B 12 -4.75 -12.95 -13.02
N PHE B 13 -4.12 -13.06 -11.85
CA PHE B 13 -2.67 -12.87 -11.76
C PHE B 13 -1.93 -13.93 -12.57
N ASN B 14 -2.39 -15.18 -12.54
CA ASN B 14 -1.70 -16.25 -13.26
C ASN B 14 -1.84 -16.09 -14.76
N CYS B 15 -2.98 -15.57 -15.23
CA CYS B 15 -3.19 -15.45 -16.67
C CYS B 15 -2.33 -14.35 -17.26
N PHE B 16 -2.07 -13.28 -16.49
CA PHE B 16 -1.15 -12.25 -16.94
C PHE B 16 0.26 -12.79 -17.07
N ILE B 17 0.78 -13.40 -16.01
CA ILE B 17 2.14 -13.94 -16.03
C ILE B 17 2.32 -14.89 -17.21
N GLN B 18 1.34 -15.78 -17.41
CA GLN B 18 1.39 -16.71 -18.52
C GLN B 18 0.82 -16.08 -19.79
O1 PG4 C . 20.41 -17.17 -12.65
C1 PG4 C . 21.21 -17.45 -13.77
C2 PG4 C . 21.10 -18.94 -14.10
O2 PG4 C . 21.54 -19.70 -13.01
C3 PG4 C . 22.94 -19.73 -12.86
C4 PG4 C . 23.30 -19.32 -11.42
O3 PG4 C . 23.79 -20.43 -10.74
C5 PG4 C . 22.79 -21.23 -10.17
C6 PG4 C . 22.34 -20.63 -8.83
O4 PG4 C . 21.61 -21.59 -8.11
C7 PG4 C . 21.75 -21.47 -6.72
C8 PG4 C . 21.15 -20.14 -6.26
O5 PG4 C . 21.55 -19.88 -4.94
C1 EDO D . 8.64 0.03 -14.38
O1 EDO D . 8.57 0.50 -13.03
C2 EDO D . 9.29 -1.34 -14.41
O2 EDO D . 10.61 -1.26 -13.82
C1 EDO E . 12.14 -6.48 18.29
O1 EDO E . 12.79 -6.05 17.10
C2 EDO E . 11.26 -7.68 17.99
O2 EDO E . 10.62 -8.12 19.20
C1 EDO F . -6.71 2.47 0.49
O1 EDO F . -6.90 2.91 1.84
C2 EDO F . -6.03 3.58 -0.31
O2 EDO F . -4.82 3.96 0.34
C1 PGE G . 17.87 -14.98 -16.19
O1 PGE G . 16.96 -15.73 -15.39
C2 PGE G . 18.55 -13.92 -15.34
O2 PGE G . 19.20 -12.99 -16.18
C3 PGE G . 20.19 -12.23 -15.53
C4 PGE G . 21.33 -13.15 -15.15
O4 PGE G . 21.26 -16.33 -17.38
C6 PGE G . 22.60 -15.96 -17.11
C5 PGE G . 22.63 -14.94 -16.00
O3 PGE G . 21.69 -13.91 -16.28
CA WHL H . -10.10 -13.47 -16.06
CB WHL H . -10.94 -12.61 -15.39
NB WHL H . -12.10 -11.79 -13.40
OB WHL H . -7.66 -13.85 -17.52
CG WHL H . -7.70 -14.98 -17.15
CD WHL H . -10.56 -13.77 -13.34
CE WHL H . -9.70 -14.64 -14.01
CH WHL H . -6.81 -15.99 -17.86
CC WHL H . -11.18 -12.74 -14.04
CF WHL H . -9.47 -14.49 -15.36
CJ WHL H . -12.00 -11.27 -12.05
CK WHL H . -10.88 -11.67 -11.09
NA WHL H . -8.58 -15.40 -16.08
OA WHL H . -12.83 -10.51 -11.68
#